data_7WGL
#
_entry.id   7WGL
#
_cell.length_a   39.481
_cell.length_b   93.806
_cell.length_c   96.232
_cell.angle_alpha   90.000
_cell.angle_beta   97.350
_cell.angle_gamma   90.000
#
_symmetry.space_group_name_H-M   'P 1 21 1'
#
loop_
_entity.id
_entity.type
_entity.pdbx_description
1 polymer 'Peroxisome proliferator-activated receptor delta'
2 non-polymer 'octyl beta-D-glucopyranoside'
3 non-polymer '2-[P-[2-P-CHLOROBENZAMIDO)ETHYL]PHENOXY]-2-METHYLPROPIONIC ACID'
4 water water
#
_entity_poly.entity_id   1
_entity_poly.type   'polypeptide(L)'
_entity_poly.pdbx_seq_one_letter_code
;GSHMPQVADLKAFSKHIYNAYLKNFNMTKKKARSILTGKASHTAPFVIHDIETLWQAEKGLVWKQLVNGLPPYKEISVHV
FYRCQCTTVETVRELTEFAKSIPSFSSLFLNDQVTLLKYGVHEAIFAMLASIVNKDGLLVANGSGFVTREFLRSLRKPFS
DIIEPKFEFAVKFNALELDDSDLALFIAAIILCGDRPGLMNVPRVEAIQDTILRALEFHLQANHPDAQYLFPKLLQKMAD
LRQLVTEHAQMMQRIKKTETETSLHPLLQEIYKDMY
;
_entity_poly.pdbx_strand_id   A,B
#
# COMPACT_ATOMS: atom_id res chain seq x y z
N ASP A 9 -22.00 16.65 10.35
CA ASP A 9 -20.64 16.63 9.80
C ASP A 9 -19.73 15.75 10.64
N LEU A 10 -19.39 16.21 11.85
CA LEU A 10 -18.65 15.35 12.76
C LEU A 10 -19.44 14.09 13.11
N LYS A 11 -20.76 14.15 12.99
CA LYS A 11 -21.59 12.96 13.12
C LYS A 11 -21.51 12.10 11.87
N ALA A 12 -21.59 12.73 10.69
CA ALA A 12 -21.47 12.00 9.42
C ALA A 12 -20.10 11.37 9.26
N PHE A 13 -19.07 12.01 9.83
CA PHE A 13 -17.73 11.41 9.85
C PHE A 13 -17.71 10.15 10.71
N SER A 14 -18.18 10.25 11.96
CA SER A 14 -18.17 9.10 12.86
C SER A 14 -19.08 7.99 12.36
N LYS A 15 -20.26 8.32 11.84
CA LYS A 15 -21.15 7.27 11.37
C LYS A 15 -20.55 6.54 10.18
N HIS A 16 -19.88 7.26 9.28
CA HIS A 16 -19.14 6.60 8.21
C HIS A 16 -18.07 5.67 8.75
N ILE A 17 -17.39 6.09 9.82
CA ILE A 17 -16.37 5.23 10.43
C ILE A 17 -17.02 4.02 11.09
N TYR A 18 -18.19 4.21 11.69
CA TYR A 18 -18.85 3.11 12.40
C TYR A 18 -19.35 2.06 11.40
N ASN A 19 -19.80 2.50 10.22
CA ASN A 19 -20.25 1.57 9.20
C ASN A 19 -19.07 0.85 8.54
N ALA A 20 -17.95 1.54 8.35
CA ALA A 20 -16.76 0.84 7.85
C ALA A 20 -16.32 -0.24 8.84
N TYR A 21 -16.54 -0.01 10.13
CA TYR A 21 -16.19 -0.99 11.14
C TYR A 21 -17.14 -2.18 11.12
N LEU A 22 -18.45 -1.94 11.00
CA LEU A 22 -19.41 -3.04 10.92
C LEU A 22 -19.25 -3.79 9.61
N LYS A 23 -18.94 -3.07 8.54
CA LYS A 23 -18.74 -3.69 7.24
C LYS A 23 -17.52 -4.61 7.22
N ASN A 24 -16.55 -4.47 8.14
CA ASN A 24 -15.27 -5.14 7.94
C ASN A 24 -14.82 -6.09 9.04
N PHE A 25 -15.34 -5.99 10.26
CA PHE A 25 -14.91 -6.91 11.32
C PHE A 25 -16.00 -7.94 11.57
N ASN A 26 -15.68 -9.21 11.33
CA ASN A 26 -16.69 -10.26 11.49
C ASN A 26 -17.23 -10.28 12.91
N MET A 27 -16.34 -10.27 13.89
CA MET A 27 -16.71 -10.39 15.29
C MET A 27 -16.76 -8.99 15.92
N THR A 28 -17.98 -8.50 16.16
CA THR A 28 -18.13 -7.26 16.90
C THR A 28 -18.07 -7.55 18.38
N LYS A 29 -17.86 -6.49 19.17
CA LYS A 29 -17.92 -6.68 20.61
C LYS A 29 -19.32 -7.08 21.06
N LYS A 30 -20.37 -6.57 20.40
CA LYS A 30 -21.74 -6.98 20.76
C LYS A 30 -21.92 -8.47 20.57
N LYS A 31 -21.66 -8.97 19.36
N LYS A 31 -21.63 -8.98 19.36
CA LYS A 31 -21.67 -10.41 19.11
CA LYS A 31 -21.69 -10.42 19.11
C LYS A 31 -20.88 -11.15 20.17
C LYS A 31 -20.85 -11.20 20.12
N ALA A 32 -19.64 -10.70 20.43
CA ALA A 32 -18.80 -11.40 21.39
C ALA A 32 -19.41 -11.43 22.77
N ARG A 33 -19.96 -10.29 23.22
CA ARG A 33 -20.52 -10.21 24.56
C ARG A 33 -21.74 -11.13 24.72
N SER A 34 -22.54 -11.30 23.66
CA SER A 34 -23.63 -12.27 23.70
C SER A 34 -23.10 -13.66 24.03
N ILE A 35 -22.06 -14.08 23.30
CA ILE A 35 -21.56 -15.44 23.43
C ILE A 35 -20.91 -15.64 24.80
N LEU A 36 -20.07 -14.69 25.23
CA LEU A 36 -19.39 -14.89 26.51
C LEU A 36 -20.35 -14.92 27.69
N THR A 37 -21.54 -14.33 27.54
CA THR A 37 -22.50 -14.26 28.64
C THR A 37 -23.53 -15.39 28.58
N GLY A 38 -23.96 -15.78 27.38
CA GLY A 38 -24.89 -16.88 27.23
C GLY A 38 -26.30 -16.45 26.87
N LYS A 39 -26.50 -16.08 25.61
CA LYS A 39 -27.80 -15.63 25.11
C LYS A 39 -28.44 -16.67 24.19
N ALA A 44 -23.13 -22.80 22.43
CA ALA A 44 -22.08 -22.24 23.25
C ALA A 44 -20.72 -22.74 22.78
N PRO A 45 -19.68 -21.96 22.98
CA PRO A 45 -18.39 -22.31 22.38
C PRO A 45 -17.76 -23.52 23.05
N PHE A 46 -17.14 -24.38 22.23
CA PHE A 46 -16.37 -25.51 22.77
C PHE A 46 -15.14 -25.01 23.51
N VAL A 47 -14.96 -25.46 24.75
CA VAL A 47 -13.91 -24.95 25.62
C VAL A 47 -12.63 -25.75 25.40
N ILE A 48 -11.54 -25.04 25.09
CA ILE A 48 -10.21 -25.62 24.91
C ILE A 48 -9.40 -25.29 26.15
N HIS A 49 -9.17 -26.27 27.01
CA HIS A 49 -8.41 -26.02 28.22
C HIS A 49 -7.19 -26.91 28.38
N ASP A 50 -7.02 -27.91 27.51
CA ASP A 50 -5.86 -28.79 27.60
C ASP A 50 -5.65 -29.50 26.27
N ILE A 51 -4.66 -30.40 26.25
CA ILE A 51 -4.22 -31.02 24.99
C ILE A 51 -5.37 -31.74 24.34
N GLU A 52 -6.15 -32.46 25.13
CA GLU A 52 -7.23 -33.27 24.60
C GLU A 52 -8.28 -32.40 23.90
N THR A 53 -8.72 -31.32 24.56
CA THR A 53 -9.73 -30.49 23.93
C THR A 53 -9.16 -29.73 22.74
N LEU A 54 -7.88 -29.39 22.78
CA LEU A 54 -7.25 -28.79 21.60
C LEU A 54 -7.33 -29.74 20.41
N TRP A 55 -6.95 -31.00 20.62
CA TRP A 55 -7.01 -31.97 19.53
C TRP A 55 -8.43 -32.13 19.01
N GLN A 56 -9.40 -32.15 19.91
CA GLN A 56 -10.80 -32.25 19.49
C GLN A 56 -11.21 -31.05 18.67
N ALA A 57 -10.85 -29.84 19.12
CA ALA A 57 -11.14 -28.64 18.35
C ALA A 57 -10.61 -28.77 16.93
N GLU A 58 -9.37 -29.24 16.79
CA GLU A 58 -8.78 -29.37 15.46
C GLU A 58 -9.46 -30.44 14.61
N LYS A 59 -9.95 -31.51 15.24
CA LYS A 59 -10.50 -32.60 14.45
C LYS A 59 -11.76 -32.20 13.67
N GLY A 60 -12.44 -31.13 14.09
CA GLY A 60 -13.53 -30.57 13.32
C GLY A 60 -14.51 -29.82 14.19
N LEU A 61 -14.34 -29.95 15.52
CA LEU A 61 -15.22 -29.28 16.47
C LEU A 61 -15.10 -27.74 16.38
N VAL A 62 -13.92 -27.23 16.03
CA VAL A 62 -13.71 -25.79 15.95
C VAL A 62 -13.00 -25.45 14.63
N TRP A 63 -12.01 -26.25 14.25
CA TRP A 63 -11.32 -26.10 12.97
C TRP A 63 -11.36 -27.39 12.15
N LEU A 70 -1.78 -24.35 7.78
CA LEU A 70 -0.75 -24.16 8.80
C LEU A 70 0.52 -24.87 8.41
N PRO A 71 1.67 -24.39 8.89
CA PRO A 71 2.94 -25.06 8.56
C PRO A 71 3.04 -26.41 9.23
N PRO A 72 4.04 -27.20 8.85
CA PRO A 72 4.19 -28.54 9.44
C PRO A 72 4.17 -28.51 10.96
N TYR A 73 3.60 -29.57 11.53
CA TYR A 73 3.45 -29.65 12.98
C TYR A 73 4.81 -29.78 13.64
N LYS A 74 4.91 -29.26 14.86
CA LYS A 74 6.15 -29.31 15.63
C LYS A 74 5.91 -29.77 17.06
N GLU A 75 4.97 -29.11 17.75
CA GLU A 75 4.69 -29.34 19.17
C GLU A 75 3.51 -28.45 19.52
N ILE A 76 2.94 -28.69 20.71
CA ILE A 76 1.67 -28.08 21.06
C ILE A 76 1.82 -26.56 21.18
N SER A 77 2.88 -26.10 21.84
CA SER A 77 3.04 -24.67 22.10
C SER A 77 3.30 -23.91 20.80
N VAL A 78 4.04 -24.52 19.88
CA VAL A 78 4.28 -23.90 18.57
C VAL A 78 2.99 -23.90 17.77
N HIS A 79 2.21 -24.99 17.91
CA HIS A 79 0.95 -25.08 17.19
C HIS A 79 -0.01 -23.96 17.57
N VAL A 80 -0.13 -23.67 18.87
CA VAL A 80 -0.97 -22.57 19.33
C VAL A 80 -0.45 -21.24 18.77
N PHE A 81 0.86 -21.04 18.84
CA PHE A 81 1.48 -19.85 18.25
C PHE A 81 1.12 -19.67 16.79
N TYR A 82 1.06 -20.78 16.03
CA TYR A 82 0.65 -20.68 14.63
C TYR A 82 -0.80 -20.25 14.50
N ARG A 83 -1.68 -20.80 15.34
CA ARG A 83 -3.06 -20.33 15.33
C ARG A 83 -3.14 -18.85 15.72
N CYS A 84 -2.27 -18.39 16.61
CA CYS A 84 -2.19 -16.95 16.87
C CYS A 84 -1.83 -16.21 15.60
N GLN A 85 -0.76 -16.65 14.92
CA GLN A 85 -0.35 -15.96 13.70
C GLN A 85 -1.46 -15.95 12.68
N CYS A 86 -2.16 -17.07 12.52
CA CYS A 86 -3.24 -17.11 11.55
C CYS A 86 -4.36 -16.14 11.92
N THR A 87 -4.61 -15.96 13.21
CA THR A 87 -5.68 -15.06 13.60
C THR A 87 -5.28 -13.60 13.38
N THR A 88 -4.06 -13.25 13.75
CA THR A 88 -3.65 -11.85 13.64
C THR A 88 -3.45 -11.46 12.18
N VAL A 89 -3.00 -12.38 11.33
CA VAL A 89 -2.92 -12.08 9.90
C VAL A 89 -4.30 -11.77 9.34
N GLU A 90 -5.31 -12.52 9.77
CA GLU A 90 -6.67 -12.21 9.34
C GLU A 90 -7.14 -10.84 9.87
N THR A 91 -6.87 -10.55 11.14
CA THR A 91 -7.26 -9.24 11.66
C THR A 91 -6.52 -8.12 10.94
N VAL A 92 -5.27 -8.35 10.58
CA VAL A 92 -4.56 -7.36 9.77
C VAL A 92 -5.29 -7.11 8.47
N ARG A 93 -5.76 -8.17 7.81
CA ARG A 93 -6.51 -7.99 6.57
C ARG A 93 -7.77 -7.17 6.79
N GLU A 94 -8.52 -7.46 7.85
CA GLU A 94 -9.74 -6.70 8.11
C GLU A 94 -9.42 -5.23 8.44
N LEU A 95 -8.35 -5.00 9.23
CA LEU A 95 -7.98 -3.63 9.60
C LEU A 95 -7.58 -2.82 8.38
N THR A 96 -6.92 -3.48 7.42
CA THR A 96 -6.53 -2.80 6.18
C THR A 96 -7.75 -2.38 5.38
N GLU A 97 -8.76 -3.28 5.27
CA GLU A 97 -9.99 -2.92 4.59
C GLU A 97 -10.75 -1.84 5.32
N PHE A 98 -10.81 -1.95 6.66
CA PHE A 98 -11.41 -0.88 7.46
C PHE A 98 -10.74 0.45 7.18
N ALA A 99 -9.42 0.48 7.10
CA ALA A 99 -8.70 1.73 6.95
C ALA A 99 -8.87 2.29 5.56
N LYS A 100 -8.83 1.41 4.55
CA LYS A 100 -9.04 1.89 3.18
C LYS A 100 -10.46 2.41 2.99
N SER A 101 -11.40 1.94 3.82
CA SER A 101 -12.76 2.45 3.80
C SER A 101 -12.90 3.82 4.45
N ILE A 102 -11.83 4.40 4.98
CA ILE A 102 -11.86 5.78 5.46
C ILE A 102 -11.35 6.67 4.31
N PRO A 103 -12.22 7.47 3.67
CA PRO A 103 -11.74 8.33 2.58
C PRO A 103 -10.46 9.11 2.89
N SER A 104 -10.31 9.67 4.09
CA SER A 104 -9.10 10.42 4.40
C SER A 104 -7.86 9.51 4.39
N PHE A 105 -7.97 8.31 4.97
CA PHE A 105 -6.86 7.37 4.87
C PHE A 105 -6.55 7.04 3.42
N SER A 106 -7.59 6.77 2.63
CA SER A 106 -7.35 6.38 1.24
C SER A 106 -6.76 7.49 0.38
N SER A 107 -6.74 8.74 0.86
CA SER A 107 -6.13 9.84 0.13
C SER A 107 -4.63 9.97 0.37
N LEU A 108 -4.07 9.26 1.34
CA LEU A 108 -2.62 9.19 1.49
C LEU A 108 -2.00 8.39 0.34
N PHE A 109 -0.73 8.68 0.07
CA PHE A 109 0.05 7.84 -0.84
C PHE A 109 0.09 6.41 -0.31
N LEU A 110 0.01 5.43 -1.22
CA LEU A 110 -0.08 4.03 -0.77
C LEU A 110 1.04 3.69 0.21
N ASN A 111 2.25 4.22 -0.01
CA ASN A 111 3.34 3.87 0.91
C ASN A 111 3.13 4.46 2.31
N ASP A 112 2.49 5.63 2.40
CA ASP A 112 2.14 6.09 3.73
C ASP A 112 1.03 5.24 4.33
N GLN A 113 0.10 4.73 3.51
CA GLN A 113 -0.93 3.85 4.02
C GLN A 113 -0.30 2.62 4.66
N VAL A 114 0.68 2.05 3.97
CA VAL A 114 1.40 0.87 4.45
C VAL A 114 2.15 1.19 5.73
N THR A 115 2.81 2.35 5.78
CA THR A 115 3.53 2.75 6.99
C THR A 115 2.60 2.80 8.21
N LEU A 116 1.43 3.41 8.06
CA LEU A 116 0.47 3.48 9.15
C LEU A 116 0.04 2.09 9.61
N LEU A 117 -0.21 1.21 8.66
CA LEU A 117 -0.64 -0.14 9.02
C LEU A 117 0.48 -0.89 9.73
N LYS A 118 1.70 -0.78 9.19
CA LYS A 118 2.84 -1.48 9.75
C LYS A 118 2.97 -1.24 11.23
N TYR A 119 2.90 0.04 11.63
CA TYR A 119 3.12 0.42 13.01
C TYR A 119 1.84 0.47 13.81
N GLY A 120 0.69 0.43 13.15
CA GLY A 120 -0.57 0.59 13.85
C GLY A 120 -1.38 -0.68 14.09
N VAL A 121 -1.23 -1.74 13.28
CA VAL A 121 -2.21 -2.83 13.34
C VAL A 121 -2.14 -3.53 14.68
N HIS A 122 -0.95 -3.73 15.22
CA HIS A 122 -0.90 -4.51 16.46
C HIS A 122 -1.46 -3.72 17.61
N GLU A 123 -1.25 -2.40 17.63
CA GLU A 123 -1.93 -1.61 18.63
C GLU A 123 -3.43 -1.80 18.50
N ALA A 124 -3.94 -1.79 17.27
CA ALA A 124 -5.37 -1.96 17.08
C ALA A 124 -5.82 -3.37 17.43
N ILE A 125 -4.99 -4.36 17.14
CA ILE A 125 -5.35 -5.75 17.40
C ILE A 125 -5.49 -5.99 18.91
N PHE A 126 -4.58 -5.42 19.69
CA PHE A 126 -4.65 -5.67 21.13
C PHE A 126 -5.78 -4.89 21.80
N ALA A 127 -6.17 -3.74 21.23
CA ALA A 127 -7.38 -3.04 21.66
C ALA A 127 -8.63 -3.85 21.34
N MET A 128 -8.69 -4.42 20.13
CA MET A 128 -9.86 -5.20 19.73
C MET A 128 -9.93 -6.57 20.42
N LEU A 129 -8.79 -7.17 20.71
CA LEU A 129 -8.73 -8.39 21.51
C LEU A 129 -9.60 -8.29 22.75
N ALA A 130 -9.64 -7.12 23.39
CA ALA A 130 -10.43 -6.93 24.60
C ALA A 130 -11.88 -7.29 24.36
N SER A 131 -12.37 -7.04 23.14
CA SER A 131 -13.77 -7.34 22.79
C SER A 131 -14.09 -8.83 22.91
N ILE A 132 -13.11 -9.73 22.74
CA ILE A 132 -13.41 -11.16 22.67
C ILE A 132 -12.88 -11.90 23.89
N VAL A 133 -12.48 -11.19 24.93
CA VAL A 133 -11.77 -11.74 26.08
C VAL A 133 -12.59 -11.45 27.34
N ASN A 134 -12.49 -12.37 28.30
CA ASN A 134 -12.83 -12.10 29.69
C ASN A 134 -11.69 -12.61 30.55
N LYS A 135 -11.85 -12.47 31.87
CA LYS A 135 -10.76 -12.80 32.77
C LYS A 135 -10.29 -14.24 32.62
N ASP A 136 -11.10 -15.11 31.99
CA ASP A 136 -10.82 -16.54 31.98
C ASP A 136 -10.38 -17.09 30.62
N GLY A 137 -10.31 -16.28 29.57
CA GLY A 137 -9.91 -16.77 28.26
C GLY A 137 -10.48 -15.94 27.14
N LEU A 138 -10.49 -16.50 25.93
CA LEU A 138 -10.86 -15.70 24.78
C LEU A 138 -11.49 -16.56 23.71
N LEU A 139 -12.41 -15.96 22.97
CA LEU A 139 -13.07 -16.65 21.86
C LEU A 139 -12.11 -16.84 20.69
N VAL A 140 -12.24 -17.98 20.00
CA VAL A 140 -11.49 -18.25 18.78
C VAL A 140 -12.47 -18.71 17.71
N ALA A 141 -12.00 -18.72 16.47
CA ALA A 141 -12.74 -19.37 15.39
C ALA A 141 -14.17 -18.84 15.32
N ASN A 142 -14.29 -17.52 15.38
CA ASN A 142 -15.58 -16.82 15.24
C ASN A 142 -16.52 -17.12 16.41
N GLY A 143 -15.96 -17.26 17.61
CA GLY A 143 -16.76 -17.50 18.79
C GLY A 143 -17.17 -18.93 19.03
N SER A 144 -16.81 -19.86 18.12
CA SER A 144 -17.18 -21.27 18.32
C SER A 144 -16.25 -21.99 19.30
N GLY A 145 -15.02 -21.52 19.44
CA GLY A 145 -14.16 -22.02 20.50
C GLY A 145 -13.92 -20.98 21.57
N PHE A 146 -13.46 -21.43 22.73
CA PHE A 146 -13.07 -20.55 23.82
C PHE A 146 -11.80 -21.12 24.42
N VAL A 147 -10.70 -20.36 24.38
CA VAL A 147 -9.42 -20.86 24.89
C VAL A 147 -9.15 -20.22 26.24
N THR A 148 -8.88 -21.05 27.24
CA THR A 148 -8.77 -20.58 28.61
C THR A 148 -7.42 -19.95 28.86
N ARG A 149 -7.44 -18.91 29.69
CA ARG A 149 -6.21 -18.21 30.05
C ARG A 149 -5.28 -19.17 30.78
N GLU A 150 -5.86 -20.12 31.49
CA GLU A 150 -5.13 -21.18 32.18
C GLU A 150 -4.30 -22.01 31.20
N PHE A 151 -4.95 -22.55 30.16
CA PHE A 151 -4.22 -23.30 29.14
C PHE A 151 -3.10 -22.46 28.51
N LEU A 152 -3.42 -21.22 28.12
CA LEU A 152 -2.39 -20.38 27.52
C LEU A 152 -1.19 -20.21 28.45
N ARG A 153 -1.44 -19.97 29.75
CA ARG A 153 -0.36 -19.85 30.73
C ARG A 153 0.49 -21.11 30.83
N SER A 154 -0.12 -22.28 30.62
CA SER A 154 0.56 -23.54 30.77
C SER A 154 1.57 -23.79 29.67
N LEU A 155 1.60 -22.97 28.63
CA LEU A 155 2.40 -23.33 27.48
C LEU A 155 3.89 -23.20 27.78
N ARG A 156 4.69 -23.90 26.98
CA ARG A 156 6.13 -23.78 27.09
C ARG A 156 6.55 -22.33 26.94
N LYS A 157 7.51 -21.90 27.74
CA LYS A 157 8.15 -20.62 27.49
C LYS A 157 8.92 -20.69 26.17
N PRO A 158 8.98 -19.57 25.41
CA PRO A 158 8.45 -18.24 25.75
C PRO A 158 7.01 -17.97 25.31
N PHE A 159 6.29 -19.01 24.91
CA PHE A 159 4.98 -18.81 24.31
C PHE A 159 3.94 -18.40 25.34
N SER A 160 4.13 -18.81 26.60
CA SER A 160 3.17 -18.47 27.63
C SER A 160 3.29 -17.02 28.10
N ASP A 161 4.46 -16.40 27.96
CA ASP A 161 4.65 -15.01 28.37
C ASP A 161 4.12 -14.01 27.35
N ILE A 162 3.97 -14.39 26.08
CA ILE A 162 3.53 -13.38 25.14
C ILE A 162 2.03 -13.12 25.27
N ILE A 163 1.24 -14.14 25.58
CA ILE A 163 -0.20 -13.93 25.58
C ILE A 163 -0.72 -13.32 26.90
N GLU A 164 -0.13 -13.65 28.05
CA GLU A 164 -0.70 -13.18 29.31
C GLU A 164 -0.78 -11.65 29.43
N PRO A 165 0.23 -10.86 29.04
CA PRO A 165 0.10 -9.39 29.19
C PRO A 165 -1.08 -8.82 28.43
N LYS A 166 -1.43 -9.40 27.29
CA LYS A 166 -2.60 -8.92 26.57
C LYS A 166 -3.85 -9.05 27.42
N PHE A 167 -3.93 -10.12 28.23
CA PHE A 167 -5.07 -10.30 29.13
C PHE A 167 -5.12 -9.20 30.18
N GLU A 168 -4.00 -8.94 30.84
CA GLU A 168 -3.96 -7.88 31.83
C GLU A 168 -4.47 -6.56 31.25
N PHE A 169 -3.95 -6.19 30.08
CA PHE A 169 -4.41 -4.97 29.43
C PHE A 169 -5.90 -5.04 29.10
N ALA A 170 -6.35 -6.19 28.56
CA ALA A 170 -7.73 -6.30 28.09
C ALA A 170 -8.72 -6.20 29.24
N VAL A 171 -8.38 -6.77 30.40
CA VAL A 171 -9.31 -6.72 31.53
C VAL A 171 -9.51 -5.28 32.03
N LYS A 172 -8.42 -4.55 32.22
CA LYS A 172 -8.54 -3.14 32.58
C LYS A 172 -9.24 -2.37 31.48
N PHE A 173 -8.91 -2.68 30.22
CA PHE A 173 -9.51 -1.96 29.12
C PHE A 173 -11.02 -2.18 29.07
N ASN A 174 -11.47 -3.39 29.41
CA ASN A 174 -12.90 -3.65 29.37
C ASN A 174 -13.66 -2.95 30.50
N ALA A 175 -12.95 -2.51 31.55
CA ALA A 175 -13.60 -1.71 32.58
C ALA A 175 -14.22 -0.45 32.00
N LEU A 176 -13.60 0.14 30.97
CA LEU A 176 -14.13 1.35 30.36
C LEU A 176 -15.49 1.12 29.72
N GLU A 177 -15.79 -0.11 29.34
CA GLU A 177 -17.12 -0.47 28.86
C GLU A 177 -17.44 0.27 27.57
N LEU A 178 -16.44 0.42 26.70
CA LEU A 178 -16.71 0.94 25.37
C LEU A 178 -17.63 -0.01 24.61
N ASP A 179 -18.30 0.55 23.61
CA ASP A 179 -19.18 -0.19 22.72
C ASP A 179 -18.62 -0.10 21.30
N ASP A 180 -19.26 -0.78 20.35
CA ASP A 180 -18.64 -0.89 19.04
C ASP A 180 -18.52 0.47 18.37
N SER A 181 -19.41 1.42 18.69
CA SER A 181 -19.34 2.72 18.02
C SER A 181 -18.17 3.54 18.54
N ASP A 182 -17.89 3.43 19.84
CA ASP A 182 -16.67 4.00 20.40
C ASP A 182 -15.44 3.36 19.77
N LEU A 183 -15.40 2.03 19.74
CA LEU A 183 -14.24 1.30 19.26
C LEU A 183 -13.88 1.69 17.83
N ALA A 184 -14.88 1.90 16.97
CA ALA A 184 -14.57 2.19 15.59
C ALA A 184 -13.73 3.47 15.47
N LEU A 185 -14.07 4.50 16.27
CA LEU A 185 -13.31 5.76 16.27
C LEU A 185 -11.94 5.59 16.94
N PHE A 186 -11.89 4.82 18.02
CA PHE A 186 -10.63 4.59 18.74
C PHE A 186 -9.62 3.89 17.85
N ILE A 187 -10.04 2.86 17.13
CA ILE A 187 -9.10 2.17 16.26
C ILE A 187 -8.72 3.04 15.09
N ALA A 188 -9.66 3.80 14.55
CA ALA A 188 -9.28 4.74 13.49
C ALA A 188 -8.19 5.69 13.98
N ALA A 189 -8.29 6.12 15.25
CA ALA A 189 -7.31 7.06 15.79
C ALA A 189 -5.94 6.39 16.00
N ILE A 190 -5.94 5.11 16.39
CA ILE A 190 -4.71 4.36 16.51
C ILE A 190 -3.98 4.27 15.17
N ILE A 191 -4.73 3.98 14.10
CA ILE A 191 -4.09 3.80 12.80
C ILE A 191 -3.64 5.14 12.21
N LEU A 192 -4.47 6.19 12.32
CA LEU A 192 -4.12 7.50 11.72
C LEU A 192 -3.25 8.26 12.69
N CYS A 193 -1.99 7.86 12.76
CA CYS A 193 -1.09 8.29 13.82
C CYS A 193 0.08 9.05 13.20
N GLY A 194 0.25 10.31 13.63
CA GLY A 194 1.22 11.18 12.99
C GLY A 194 2.67 10.90 13.31
N ASP A 195 2.98 10.19 14.39
CA ASP A 195 4.38 10.05 14.74
C ASP A 195 4.97 8.67 14.39
N ARG A 196 4.39 7.96 13.41
CA ARG A 196 5.02 6.71 12.99
C ARG A 196 6.31 7.01 12.21
N PRO A 197 7.35 6.21 12.40
CA PRO A 197 8.60 6.46 11.69
C PRO A 197 8.41 6.36 10.18
N GLY A 198 8.97 7.33 9.46
CA GLY A 198 9.08 7.24 8.02
C GLY A 198 7.87 7.69 7.24
N LEU A 199 6.88 8.27 7.91
CA LEU A 199 5.79 8.93 7.18
C LEU A 199 6.35 10.01 6.28
N MET A 200 5.70 10.20 5.14
CA MET A 200 6.10 11.27 4.25
C MET A 200 5.39 12.58 4.56
N ASN A 201 4.07 12.50 4.78
CA ASN A 201 3.23 13.67 4.99
C ASN A 201 2.74 13.67 6.43
N VAL A 202 3.66 13.92 7.37
CA VAL A 202 3.28 14.01 8.78
C VAL A 202 2.15 15.01 9.02
N PRO A 203 2.17 16.24 8.48
CA PRO A 203 1.12 17.19 8.84
C PRO A 203 -0.26 16.75 8.40
N ARG A 204 -0.36 16.13 7.22
CA ARG A 204 -1.65 15.64 6.77
C ARG A 204 -2.19 14.53 7.68
N VAL A 205 -1.32 13.58 8.08
CA VAL A 205 -1.78 12.53 8.98
C VAL A 205 -2.14 13.11 10.35
N GLU A 206 -1.30 14.00 10.86
CA GLU A 206 -1.62 14.68 12.13
C GLU A 206 -2.96 15.39 12.04
N ALA A 207 -3.24 16.05 10.91
CA ALA A 207 -4.54 16.71 10.78
C ALA A 207 -5.68 15.70 10.76
N ILE A 208 -5.49 14.56 10.09
CA ILE A 208 -6.56 13.55 10.10
C ILE A 208 -6.76 12.99 11.50
N GLN A 209 -5.66 12.62 12.17
CA GLN A 209 -5.79 12.10 13.53
C GLN A 209 -6.55 13.06 14.42
N ASP A 210 -6.28 14.36 14.28
CA ASP A 210 -6.95 15.33 15.11
C ASP A 210 -8.45 15.36 14.86
N THR A 211 -8.86 15.29 13.60
CA THR A 211 -10.29 15.18 13.30
C THR A 211 -10.93 13.95 13.93
N ILE A 212 -10.23 12.80 13.91
CA ILE A 212 -10.80 11.59 14.52
C ILE A 212 -10.92 11.77 16.02
N LEU A 213 -9.88 12.33 16.64
CA LEU A 213 -9.91 12.55 18.09
C LEU A 213 -11.03 13.50 18.49
N ARG A 214 -11.26 14.57 17.71
CA ARG A 214 -12.39 15.43 18.05
C ARG A 214 -13.70 14.71 17.83
N ALA A 215 -13.78 13.92 16.76
CA ALA A 215 -14.96 13.10 16.55
C ALA A 215 -15.16 12.17 17.73
N LEU A 216 -14.07 11.62 18.26
CA LEU A 216 -14.20 10.70 19.37
C LEU A 216 -14.70 11.40 20.63
N GLU A 217 -14.10 12.54 20.99
CA GLU A 217 -14.57 13.27 22.16
C GLU A 217 -16.04 13.65 22.00
N PHE A 218 -16.39 14.19 20.83
CA PHE A 218 -17.78 14.47 20.52
C PHE A 218 -18.65 13.23 20.73
N HIS A 219 -18.26 12.11 20.11
CA HIS A 219 -19.08 10.90 20.20
C HIS A 219 -19.20 10.42 21.65
N LEU A 220 -18.10 10.43 22.39
CA LEU A 220 -18.16 10.00 23.78
C LEU A 220 -19.06 10.91 24.61
N GLN A 221 -19.01 12.23 24.36
CA GLN A 221 -19.90 13.15 25.06
C GLN A 221 -21.33 12.63 25.04
N ALA A 222 -21.85 12.32 23.85
CA ALA A 222 -23.24 11.89 23.73
C ALA A 222 -23.46 10.43 24.17
N ASN A 223 -22.53 9.51 23.87
CA ASN A 223 -22.76 8.09 24.11
C ASN A 223 -22.53 7.69 25.58
N HIS A 224 -21.60 8.34 26.27
CA HIS A 224 -21.28 8.04 27.66
C HIS A 224 -21.47 9.31 28.50
N PRO A 225 -22.71 9.81 28.60
CA PRO A 225 -22.91 11.14 29.19
C PRO A 225 -22.43 11.26 30.61
N ASP A 226 -22.45 10.16 31.37
CA ASP A 226 -22.11 10.16 32.78
C ASP A 226 -20.66 9.80 33.04
N ALA A 227 -19.87 9.55 31.99
CA ALA A 227 -18.51 9.06 32.14
C ALA A 227 -17.55 10.19 32.50
N GLN A 228 -16.86 10.03 33.62
CA GLN A 228 -15.83 10.99 34.01
C GLN A 228 -14.52 10.63 33.32
N TYR A 229 -13.93 11.60 32.64
CA TYR A 229 -12.54 11.51 32.18
C TYR A 229 -12.34 10.41 31.13
N LEU A 230 -13.39 10.03 30.39
CA LEU A 230 -13.26 8.90 29.51
C LEU A 230 -12.33 9.20 28.35
N PHE A 231 -12.47 10.38 27.74
CA PHE A 231 -11.59 10.74 26.62
C PHE A 231 -10.13 10.71 27.03
N PRO A 232 -9.70 11.45 28.04
CA PRO A 232 -8.29 11.34 28.45
C PRO A 232 -7.91 9.95 28.91
N LYS A 233 -8.83 9.19 29.48
CA LYS A 233 -8.52 7.81 29.83
C LYS A 233 -8.19 7.01 28.56
N LEU A 234 -8.92 7.30 27.47
CA LEU A 234 -8.67 6.61 26.20
C LEU A 234 -7.37 7.04 25.56
N LEU A 235 -6.99 8.32 25.71
CA LEU A 235 -5.69 8.76 25.22
C LEU A 235 -4.59 8.02 25.95
N GLN A 236 -4.78 7.81 27.26
CA GLN A 236 -3.78 7.05 28.01
C GLN A 236 -3.75 5.59 27.56
N LYS A 237 -4.91 5.02 27.23
CA LYS A 237 -4.90 3.67 26.68
C LYS A 237 -4.09 3.59 25.38
N MET A 238 -4.19 4.62 24.53
CA MET A 238 -3.39 4.64 23.31
C MET A 238 -1.90 4.62 23.64
N ALA A 239 -1.51 5.36 24.67
CA ALA A 239 -0.12 5.33 25.10
C ALA A 239 0.24 3.96 25.65
N ASP A 240 -0.68 3.36 26.43
CA ASP A 240 -0.45 2.04 26.98
C ASP A 240 -0.29 0.99 25.88
N LEU A 241 -1.11 1.10 24.82
CA LEU A 241 -1.01 0.14 23.72
C LEU A 241 0.32 0.23 23.01
N ARG A 242 0.90 1.43 22.95
CA ARG A 242 2.20 1.56 22.32
C ARG A 242 3.27 0.83 23.10
N GLN A 243 3.17 0.86 24.42
CA GLN A 243 4.16 0.19 25.25
C GLN A 243 3.94 -1.33 25.20
N LEU A 244 2.68 -1.75 25.18
CA LEU A 244 2.38 -3.17 25.02
C LEU A 244 3.01 -3.71 23.74
N VAL A 245 2.90 -2.95 22.64
CA VAL A 245 3.38 -3.49 21.37
C VAL A 245 4.91 -3.48 21.31
N THR A 246 5.56 -2.51 21.97
CA THR A 246 7.02 -2.51 22.06
C THR A 246 7.52 -3.74 22.81
N GLU A 247 6.89 -4.06 23.94
CA GLU A 247 7.24 -5.26 24.69
C GLU A 247 6.88 -6.52 23.89
N HIS A 248 5.77 -6.48 23.17
CA HIS A 248 5.41 -7.65 22.38
C HIS A 248 6.44 -7.89 21.29
N ALA A 249 6.93 -6.82 20.66
CA ALA A 249 7.88 -6.98 19.57
C ALA A 249 9.24 -7.43 20.09
N GLN A 250 9.55 -7.10 21.34
CA GLN A 250 10.76 -7.66 21.95
C GLN A 250 10.63 -9.17 22.16
N MET A 251 9.44 -9.64 22.52
CA MET A 251 9.26 -11.08 22.68
C MET A 251 9.33 -11.78 21.32
N MET A 252 8.82 -11.15 20.28
CA MET A 252 8.86 -11.75 18.96
C MET A 252 10.29 -11.86 18.45
N GLN A 253 11.06 -10.79 18.60
CA GLN A 253 12.45 -10.84 18.14
C GLN A 253 13.24 -11.94 18.88
N ARG A 254 12.96 -12.12 20.17
CA ARG A 254 13.60 -13.20 20.91
C ARG A 254 13.18 -14.56 20.38
N ILE A 255 11.89 -14.75 20.12
CA ILE A 255 11.44 -16.01 19.51
C ILE A 255 12.13 -16.23 18.17
N LYS A 256 12.38 -15.18 17.40
CA LYS A 256 13.09 -15.33 16.14
C LYS A 256 14.51 -15.83 16.37
N LYS A 257 15.15 -15.38 17.44
CA LYS A 257 16.54 -15.75 17.68
C LYS A 257 16.67 -17.16 18.25
N THR A 258 15.84 -17.52 19.22
CA THR A 258 16.00 -18.74 19.99
C THR A 258 15.07 -19.88 19.56
N GLU A 259 14.02 -19.58 18.80
CA GLU A 259 13.07 -20.60 18.36
C GLU A 259 13.16 -20.78 16.85
N THR A 260 14.36 -21.09 16.37
CA THR A 260 14.61 -21.10 14.94
C THR A 260 13.80 -22.16 14.20
N GLU A 261 13.19 -23.11 14.90
CA GLU A 261 12.32 -24.06 14.23
C GLU A 261 10.88 -23.53 14.07
N THR A 262 10.54 -22.42 14.71
CA THR A 262 9.20 -21.88 14.67
C THR A 262 9.05 -20.98 13.44
N SER A 263 8.19 -21.38 12.51
CA SER A 263 7.96 -20.59 11.32
C SER A 263 7.28 -19.27 11.68
N LEU A 264 7.65 -18.19 10.98
CA LEU A 264 7.07 -16.87 11.24
C LEU A 264 6.48 -16.34 9.94
N HIS A 265 5.17 -16.08 9.93
CA HIS A 265 4.47 -15.70 8.72
C HIS A 265 5.17 -14.50 8.09
N PRO A 266 5.38 -14.51 6.77
CA PRO A 266 6.17 -13.45 6.13
C PRO A 266 5.59 -12.06 6.34
N LEU A 267 4.27 -11.90 6.27
CA LEU A 267 3.67 -10.59 6.54
C LEU A 267 4.01 -10.10 7.93
N LEU A 268 3.99 -10.99 8.93
CA LEU A 268 4.35 -10.59 10.29
C LEU A 268 5.85 -10.33 10.41
N GLN A 269 6.69 -11.05 9.65
N GLN A 269 6.67 -11.06 9.65
CA GLN A 269 8.12 -10.73 9.68
CA GLN A 269 8.11 -10.78 9.61
C GLN A 269 8.38 -9.33 9.13
C GLN A 269 8.37 -9.35 9.13
N GLU A 270 7.72 -8.95 8.04
CA GLU A 270 7.86 -7.59 7.53
C GLU A 270 7.39 -6.56 8.55
N ILE A 271 6.26 -6.82 9.22
CA ILE A 271 5.78 -5.85 10.20
C ILE A 271 6.81 -5.61 11.29
N TYR A 272 7.50 -6.66 11.73
CA TYR A 272 8.38 -6.54 12.90
C TYR A 272 9.82 -6.17 12.54
N LYS A 273 10.19 -6.21 11.25
CA LYS A 273 11.57 -6.04 10.81
C LYS A 273 12.30 -4.93 11.56
N ASP A 274 11.73 -3.72 11.58
CA ASP A 274 12.38 -2.56 12.19
C ASP A 274 11.50 -2.00 13.30
N MET A 275 11.46 -2.71 14.42
CA MET A 275 10.75 -2.27 15.63
C MET A 275 11.63 -2.43 16.86
N ALA B 8 -10.14 -15.69 -25.39
CA ALA B 8 -11.10 -16.28 -24.47
C ALA B 8 -10.43 -16.57 -23.14
N ASP B 9 -10.98 -16.01 -22.06
CA ASP B 9 -10.24 -15.93 -20.81
C ASP B 9 -9.15 -14.87 -21.02
N LEU B 10 -8.16 -15.19 -21.87
CA LEU B 10 -7.11 -14.24 -22.21
C LEU B 10 -7.69 -13.00 -22.87
N LYS B 11 -8.59 -13.19 -23.83
CA LYS B 11 -9.25 -12.06 -24.47
C LYS B 11 -10.00 -11.22 -23.44
N ALA B 12 -10.81 -11.88 -22.61
CA ALA B 12 -11.49 -11.17 -21.53
C ALA B 12 -10.50 -10.45 -20.63
N PHE B 13 -9.43 -11.16 -20.26
CA PHE B 13 -8.40 -10.59 -19.41
C PHE B 13 -7.76 -9.36 -20.07
N SER B 14 -7.33 -9.50 -21.33
CA SER B 14 -6.79 -8.35 -22.05
C SER B 14 -7.76 -7.18 -22.05
N LYS B 15 -9.05 -7.46 -22.22
CA LYS B 15 -10.04 -6.38 -22.27
C LYS B 15 -10.21 -5.71 -20.91
N HIS B 16 -10.20 -6.48 -19.83
CA HIS B 16 -10.29 -5.84 -18.52
C HIS B 16 -9.13 -4.86 -18.29
N ILE B 17 -7.93 -5.21 -18.75
CA ILE B 17 -6.76 -4.38 -18.49
C ILE B 17 -6.81 -3.12 -19.35
N TYR B 18 -7.25 -3.25 -20.61
CA TYR B 18 -7.46 -2.08 -21.45
C TYR B 18 -8.43 -1.10 -20.79
N ASN B 19 -9.52 -1.62 -20.22
CA ASN B 19 -10.50 -0.72 -19.59
C ASN B 19 -9.89 0.00 -18.40
N ALA B 20 -9.08 -0.71 -17.61
CA ALA B 20 -8.39 -0.05 -16.49
C ALA B 20 -7.49 1.08 -16.99
N TYR B 21 -6.89 0.87 -18.16
CA TYR B 21 -6.01 1.86 -18.76
C TYR B 21 -6.81 3.08 -19.21
N LEU B 22 -7.87 2.85 -19.99
CA LEU B 22 -8.69 3.94 -20.51
C LEU B 22 -9.32 4.76 -19.39
N LYS B 23 -9.66 4.12 -18.27
CA LYS B 23 -10.26 4.83 -17.16
C LYS B 23 -9.25 5.62 -16.31
N ASN B 24 -7.94 5.34 -16.40
CA ASN B 24 -7.02 5.92 -15.40
C ASN B 24 -5.94 6.86 -15.95
N PHE B 25 -5.59 6.80 -17.22
CA PHE B 25 -4.52 7.64 -17.75
C PHE B 25 -5.11 8.85 -18.46
N ASN B 26 -4.65 10.04 -18.11
CA ASN B 26 -5.31 11.20 -18.70
C ASN B 26 -4.94 11.37 -20.17
N MET B 27 -3.76 10.92 -20.56
CA MET B 27 -3.35 10.99 -21.96
C MET B 27 -3.16 9.59 -22.53
N THR B 28 -3.83 9.30 -23.64
CA THR B 28 -3.59 8.05 -24.34
C THR B 28 -2.65 8.30 -25.52
N LYS B 29 -2.00 7.24 -25.96
CA LYS B 29 -1.26 7.38 -27.20
C LYS B 29 -2.17 7.86 -28.33
N LYS B 30 -3.39 7.31 -28.40
CA LYS B 30 -4.33 7.76 -29.42
C LYS B 30 -4.48 9.27 -29.40
N LYS B 31 -4.90 9.82 -28.26
CA LYS B 31 -5.03 11.26 -28.13
C LYS B 31 -3.72 11.96 -28.43
N ALA B 32 -2.60 11.42 -27.94
CA ALA B 32 -1.30 12.05 -28.12
C ALA B 32 -0.95 12.14 -29.60
N ARG B 33 -1.11 11.04 -30.34
CA ARG B 33 -0.62 11.08 -31.70
C ARG B 33 -1.54 11.90 -32.60
N SER B 34 -2.80 12.10 -32.21
CA SER B 34 -3.63 13.04 -32.95
C SER B 34 -3.16 14.47 -32.74
N ILE B 35 -2.78 14.84 -31.51
CA ILE B 35 -2.24 16.18 -31.24
C ILE B 35 -0.94 16.40 -32.01
N LEU B 36 -0.01 15.46 -31.93
CA LEU B 36 1.29 15.55 -32.60
C LEU B 36 1.22 15.47 -34.13
N THR B 37 0.06 15.23 -34.73
CA THR B 37 -0.04 15.20 -36.18
C THR B 37 -0.88 16.35 -36.77
N GLY B 38 -1.78 16.95 -36.00
CA GLY B 38 -2.61 18.05 -36.48
C GLY B 38 -4.09 17.73 -36.65
N ALA B 44 -3.90 23.94 -31.14
CA ALA B 44 -2.58 23.35 -31.34
C ALA B 44 -1.68 23.59 -30.15
N PRO B 45 -0.70 22.70 -29.91
CA PRO B 45 0.16 22.87 -28.74
C PRO B 45 1.04 24.12 -28.88
N PHE B 46 1.08 24.89 -27.82
CA PHE B 46 2.05 25.99 -27.71
C PHE B 46 3.47 25.45 -27.57
N VAL B 47 4.34 25.85 -28.49
CA VAL B 47 5.71 25.34 -28.51
C VAL B 47 6.56 26.12 -27.50
N ILE B 48 7.11 25.39 -26.53
CA ILE B 48 8.10 25.93 -25.60
C ILE B 48 9.48 25.53 -26.11
N HIS B 49 10.25 26.51 -26.61
CA HIS B 49 11.57 26.22 -27.16
C HIS B 49 12.67 27.14 -26.65
N ASP B 50 12.39 28.04 -25.74
CA ASP B 50 13.44 28.89 -25.17
C ASP B 50 12.87 29.55 -23.91
N ILE B 51 13.68 30.42 -23.28
CA ILE B 51 13.28 30.99 -22.00
C ILE B 51 12.00 31.80 -22.16
N GLU B 52 11.91 32.56 -23.25
CA GLU B 52 10.77 33.45 -23.45
C GLU B 52 9.47 32.65 -23.60
N THR B 53 9.47 31.60 -24.43
CA THR B 53 8.25 30.80 -24.59
C THR B 53 7.94 29.99 -23.34
N LEU B 54 8.95 29.59 -22.58
CA LEU B 54 8.70 28.95 -21.29
C LEU B 54 8.03 29.90 -20.32
N TRP B 55 8.45 31.16 -20.33
CA TRP B 55 7.82 32.12 -19.42
C TRP B 55 6.38 32.37 -19.86
N GLN B 56 6.15 32.57 -21.16
CA GLN B 56 4.79 32.74 -21.65
C GLN B 56 3.92 31.52 -21.32
N ALA B 57 4.45 30.32 -21.55
CA ALA B 57 3.71 29.11 -21.18
C ALA B 57 3.32 29.13 -19.71
N GLU B 58 4.21 29.60 -18.86
CA GLU B 58 3.96 29.61 -17.42
C GLU B 58 2.95 30.69 -17.01
N LYS B 59 2.75 31.72 -17.83
CA LYS B 59 1.88 32.80 -17.42
C LYS B 59 0.41 32.52 -17.70
N GLY B 60 0.09 31.37 -18.30
CA GLY B 60 -1.28 30.98 -18.51
C GLY B 60 -1.49 30.35 -19.87
N LEU B 61 -0.50 30.49 -20.76
CA LEU B 61 -0.61 29.90 -22.09
C LEU B 61 -0.57 28.37 -22.05
N VAL B 62 -0.08 27.78 -20.97
CA VAL B 62 0.01 26.33 -20.85
C VAL B 62 -0.27 25.90 -19.41
N TRP B 63 0.34 26.59 -18.45
CA TRP B 63 0.11 26.30 -17.03
C TRP B 63 -0.62 27.45 -16.32
N LEU B 70 4.50 24.63 -6.79
CA LEU B 70 5.90 24.25 -7.01
C LEU B 70 6.79 24.83 -5.93
N PRO B 71 8.00 24.29 -5.78
CA PRO B 71 8.98 24.89 -4.87
C PRO B 71 9.28 26.31 -5.29
N PRO B 72 10.02 27.07 -4.46
CA PRO B 72 10.37 28.44 -4.84
C PRO B 72 11.39 28.46 -5.96
N TYR B 73 11.16 29.33 -6.94
CA TYR B 73 11.98 29.34 -8.15
C TYR B 73 13.46 29.44 -7.81
N LYS B 74 14.31 28.96 -8.73
CA LYS B 74 15.74 28.86 -8.54
C LYS B 74 16.48 29.31 -9.80
N GLU B 75 16.17 28.70 -10.94
CA GLU B 75 16.87 28.96 -12.20
C GLU B 75 16.18 28.14 -13.27
N ILE B 76 16.60 28.37 -14.52
CA ILE B 76 15.87 27.82 -15.65
C ILE B 76 15.93 26.29 -15.66
N SER B 77 17.13 25.73 -15.57
CA SER B 77 17.26 24.29 -15.69
C SER B 77 16.54 23.58 -14.55
N VAL B 78 16.57 24.17 -13.35
CA VAL B 78 16.00 23.54 -12.16
C VAL B 78 14.49 23.61 -12.22
N HIS B 79 13.95 24.73 -12.70
CA HIS B 79 12.50 24.87 -12.84
C HIS B 79 11.94 23.83 -13.82
N VAL B 80 12.66 23.54 -14.91
CA VAL B 80 12.19 22.52 -15.85
C VAL B 80 12.20 21.14 -15.17
N PHE B 81 13.29 20.86 -14.42
CA PHE B 81 13.37 19.65 -13.61
C PHE B 81 12.21 19.55 -12.61
N TYR B 82 11.84 20.67 -11.98
CA TYR B 82 10.68 20.63 -11.07
C TYR B 82 9.41 20.29 -11.83
N ARG B 83 9.28 20.76 -13.08
CA ARG B 83 8.12 20.38 -13.85
C ARG B 83 8.16 18.91 -14.28
N CYS B 84 9.35 18.33 -14.44
CA CYS B 84 9.43 16.88 -14.68
C CYS B 84 8.92 16.12 -13.46
N GLN B 85 9.39 16.52 -12.27
CA GLN B 85 8.88 15.93 -11.04
C GLN B 85 7.36 16.00 -10.95
N CYS B 86 6.77 17.15 -11.30
CA CYS B 86 5.32 17.27 -11.24
C CYS B 86 4.65 16.27 -12.16
N THR B 87 5.18 16.12 -13.36
CA THR B 87 4.61 15.19 -14.31
C THR B 87 4.71 13.75 -13.81
N THR B 88 5.91 13.33 -13.39
CA THR B 88 6.06 11.92 -13.04
C THR B 88 5.33 11.55 -11.75
N VAL B 89 5.22 12.47 -10.78
CA VAL B 89 4.42 12.23 -9.59
C VAL B 89 2.96 11.97 -9.97
N GLU B 90 2.39 12.81 -10.83
CA GLU B 90 1.03 12.54 -11.33
C GLU B 90 0.95 11.21 -12.09
N THR B 91 1.96 10.89 -12.92
CA THR B 91 1.89 9.63 -13.64
C THR B 91 2.01 8.45 -12.67
N VAL B 92 2.73 8.64 -11.56
CA VAL B 92 2.78 7.59 -10.53
C VAL B 92 1.39 7.35 -9.95
N ARG B 93 0.67 8.44 -9.62
CA ARG B 93 -0.70 8.30 -9.13
C ARG B 93 -1.59 7.58 -10.13
N GLU B 94 -1.48 7.91 -11.42
CA GLU B 94 -2.31 7.23 -12.40
C GLU B 94 -1.94 5.76 -12.52
N LEU B 95 -0.64 5.44 -12.50
CA LEU B 95 -0.21 4.04 -12.59
C LEU B 95 -0.68 3.25 -11.38
N THR B 96 -0.75 3.90 -10.22
CA THR B 96 -1.19 3.23 -9.01
C THR B 96 -2.66 2.86 -9.11
N GLU B 97 -3.49 3.81 -9.57
CA GLU B 97 -4.90 3.50 -9.75
C GLU B 97 -5.09 2.45 -10.84
N PHE B 98 -4.29 2.53 -11.91
CA PHE B 98 -4.35 1.53 -12.96
C PHE B 98 -4.09 0.13 -12.39
N ALA B 99 -3.05 0.00 -11.56
CA ALA B 99 -2.67 -1.30 -11.01
C ALA B 99 -3.74 -1.81 -10.05
N LYS B 100 -4.28 -0.93 -9.21
CA LYS B 100 -5.31 -1.36 -8.28
C LYS B 100 -6.59 -1.75 -9.02
N SER B 101 -6.84 -1.16 -10.19
CA SER B 101 -7.96 -1.60 -11.02
C SER B 101 -7.72 -2.95 -11.65
N ILE B 102 -6.60 -3.60 -11.36
CA ILE B 102 -6.32 -4.96 -11.84
C ILE B 102 -6.56 -5.97 -10.71
N PRO B 103 -7.66 -6.72 -10.71
CA PRO B 103 -7.96 -7.56 -9.52
C PRO B 103 -6.78 -8.39 -8.98
N SER B 104 -6.03 -9.09 -9.84
CA SER B 104 -4.85 -9.82 -9.38
C SER B 104 -3.93 -8.95 -8.52
N PHE B 105 -3.67 -7.72 -8.96
CA PHE B 105 -2.79 -6.85 -8.18
C PHE B 105 -3.43 -6.49 -6.84
N SER B 106 -4.71 -6.18 -6.84
CA SER B 106 -5.34 -5.83 -5.58
C SER B 106 -5.47 -7.02 -4.63
N SER B 107 -5.24 -8.25 -5.09
CA SER B 107 -5.27 -9.37 -4.16
C SER B 107 -3.97 -9.49 -3.35
N LEU B 108 -2.91 -8.81 -3.77
CA LEU B 108 -1.66 -8.88 -3.01
C LEU B 108 -1.72 -8.07 -1.72
N PHE B 109 -0.87 -8.44 -0.76
CA PHE B 109 -0.77 -7.62 0.44
C PHE B 109 -0.35 -6.20 0.07
N LEU B 110 -0.84 -5.21 0.82
CA LEU B 110 -0.63 -3.82 0.42
C LEU B 110 0.85 -3.47 0.31
N ASN B 111 1.68 -4.09 1.15
CA ASN B 111 3.12 -3.81 1.08
C ASN B 111 3.75 -4.41 -0.17
N ASP B 112 3.25 -5.54 -0.67
CA ASP B 112 3.76 -6.01 -1.96
C ASP B 112 3.29 -5.10 -3.08
N GLN B 113 2.08 -4.55 -2.98
CA GLN B 113 1.63 -3.57 -3.96
C GLN B 113 2.62 -2.41 -4.06
N VAL B 114 3.01 -1.86 -2.89
CA VAL B 114 3.94 -0.73 -2.84
C VAL B 114 5.30 -1.13 -3.40
N THR B 115 5.75 -2.35 -3.10
CA THR B 115 7.04 -2.80 -3.65
C THR B 115 7.02 -2.83 -5.18
N LEU B 116 5.98 -3.44 -5.76
CA LEU B 116 5.84 -3.45 -7.22
C LEU B 116 5.86 -2.02 -7.79
N LEU B 117 5.08 -1.13 -7.20
CA LEU B 117 5.04 0.25 -7.67
C LEU B 117 6.41 0.89 -7.54
N LYS B 118 7.05 0.71 -6.39
CA LYS B 118 8.30 1.40 -6.13
C LYS B 118 9.34 1.11 -7.21
N TYR B 119 9.48 -0.16 -7.56
CA TYR B 119 10.48 -0.58 -8.54
C TYR B 119 9.96 -0.62 -9.96
N GLY B 120 8.65 -0.48 -10.16
CA GLY B 120 8.13 -0.58 -11.50
C GLY B 120 7.68 0.72 -12.17
N VAL B 121 7.34 1.77 -11.41
CA VAL B 121 6.67 2.90 -12.05
C VAL B 121 7.59 3.60 -13.04
N HIS B 122 8.89 3.69 -12.78
CA HIS B 122 9.69 4.47 -13.73
C HIS B 122 9.91 3.71 -15.04
N GLU B 123 10.04 2.38 -14.97
CA GLU B 123 10.03 1.60 -16.20
C GLU B 123 8.75 1.85 -16.99
N ALA B 124 7.61 1.88 -16.32
CA ALA B 124 6.35 2.13 -17.02
C ALA B 124 6.26 3.57 -17.54
N ILE B 125 6.75 4.53 -16.76
CA ILE B 125 6.72 5.94 -17.16
C ILE B 125 7.50 6.17 -18.44
N PHE B 126 8.71 5.60 -18.53
CA PHE B 126 9.53 5.80 -19.72
C PHE B 126 8.99 5.05 -20.93
N ALA B 127 8.32 3.92 -20.72
CA ALA B 127 7.58 3.28 -21.80
C ALA B 127 6.46 4.18 -22.28
N MET B 128 5.66 4.70 -21.34
CA MET B 128 4.51 5.51 -21.75
C MET B 128 4.95 6.86 -22.29
N LEU B 129 6.10 7.36 -21.83
CA LEU B 129 6.63 8.60 -22.35
C LEU B 129 6.71 8.58 -23.87
N ALA B 130 7.01 7.41 -24.45
CA ALA B 130 7.18 7.34 -25.89
C ALA B 130 5.90 7.71 -26.60
N SER B 131 4.74 7.55 -25.94
CA SER B 131 3.45 7.91 -26.53
C SER B 131 3.32 9.42 -26.77
N ILE B 132 3.95 10.26 -25.94
CA ILE B 132 3.81 11.70 -26.07
C ILE B 132 5.04 12.35 -26.72
N VAL B 133 5.92 11.56 -27.33
CA VAL B 133 7.22 12.03 -27.78
C VAL B 133 7.32 11.82 -29.30
N ASN B 134 7.99 12.75 -29.99
CA ASN B 134 8.51 12.42 -31.31
C ASN B 134 9.96 12.87 -31.34
N LYS B 135 10.61 12.80 -32.49
CA LYS B 135 12.04 13.10 -32.47
C LYS B 135 12.32 14.56 -32.16
N ASP B 136 11.31 15.43 -32.18
CA ASP B 136 11.55 16.87 -31.98
C ASP B 136 11.16 17.37 -30.59
N GLY B 137 10.45 16.59 -29.78
CA GLY B 137 10.00 17.11 -28.50
C GLY B 137 8.91 16.24 -27.89
N LEU B 138 8.35 16.74 -26.80
CA LEU B 138 7.29 16.01 -26.14
C LEU B 138 6.17 16.96 -25.74
N LEU B 139 4.96 16.41 -25.68
CA LEU B 139 3.83 17.16 -25.13
C LEU B 139 3.97 17.31 -23.62
N VAL B 140 3.44 18.41 -23.10
CA VAL B 140 3.35 18.64 -21.66
C VAL B 140 1.98 19.24 -21.38
N ALA B 141 1.67 19.40 -20.09
CA ALA B 141 0.41 20.01 -19.67
C ALA B 141 -0.76 19.39 -20.42
N ASN B 142 -0.80 18.07 -20.41
CA ASN B 142 -1.90 17.32 -20.98
C ASN B 142 -2.12 17.64 -22.46
N GLY B 143 -1.02 17.85 -23.20
CA GLY B 143 -1.10 18.14 -24.62
C GLY B 143 -1.21 19.61 -24.97
N SER B 144 -1.37 20.49 -23.99
CA SER B 144 -1.49 21.90 -24.39
C SER B 144 -0.15 22.57 -24.66
N GLY B 145 0.98 21.92 -24.30
CA GLY B 145 2.29 22.42 -24.67
C GLY B 145 3.10 21.36 -25.39
N PHE B 146 4.13 21.82 -26.09
CA PHE B 146 5.10 20.97 -26.74
C PHE B 146 6.48 21.51 -26.41
N VAL B 147 7.30 20.73 -25.69
CA VAL B 147 8.64 21.17 -25.31
C VAL B 147 9.64 20.55 -26.25
N THR B 148 10.47 21.39 -26.87
CA THR B 148 11.37 20.90 -27.90
C THR B 148 12.53 20.19 -27.26
N ARG B 149 12.98 19.14 -27.94
CA ARG B 149 14.11 18.36 -27.53
C ARG B 149 15.37 19.19 -27.53
N GLU B 150 15.45 20.16 -28.45
CA GLU B 150 16.61 21.03 -28.54
C GLU B 150 16.67 21.97 -27.35
N PHE B 151 15.53 22.53 -26.93
CA PHE B 151 15.52 23.31 -25.70
C PHE B 151 15.96 22.48 -24.49
N LEU B 152 15.50 21.22 -24.37
CA LEU B 152 15.92 20.42 -23.23
C LEU B 152 17.41 20.09 -23.31
N ARG B 153 17.93 19.82 -24.52
CA ARG B 153 19.39 19.68 -24.68
C ARG B 153 20.16 20.92 -24.23
N SER B 154 19.53 22.09 -24.31
CA SER B 154 20.18 23.37 -24.04
C SER B 154 20.31 23.67 -22.56
N LEU B 155 19.78 22.80 -21.70
CA LEU B 155 19.78 23.06 -20.28
C LEU B 155 21.16 22.75 -19.69
N ARG B 156 21.41 23.34 -18.53
CA ARG B 156 22.61 23.04 -17.76
C ARG B 156 22.77 21.54 -17.56
N LYS B 157 24.00 21.06 -17.65
CA LYS B 157 24.29 19.78 -17.04
C LYS B 157 24.06 19.90 -15.53
N PRO B 158 23.62 18.83 -14.88
CA PRO B 158 23.30 17.50 -15.42
C PRO B 158 21.91 17.40 -16.06
N PHE B 159 21.12 18.48 -16.00
CA PHE B 159 19.70 18.38 -16.32
C PHE B 159 19.51 18.02 -17.79
N SER B 160 20.37 18.53 -18.66
CA SER B 160 20.28 18.25 -20.09
C SER B 160 20.53 16.78 -20.40
N ASP B 161 21.36 16.10 -19.61
CA ASP B 161 21.64 14.69 -19.86
C ASP B 161 20.53 13.77 -19.37
N ILE B 162 19.62 14.26 -18.52
CA ILE B 162 18.55 13.44 -17.96
C ILE B 162 17.62 12.97 -19.05
N ILE B 163 17.13 13.90 -19.86
CA ILE B 163 15.99 13.63 -20.70
C ILE B 163 16.41 12.99 -22.03
N GLU B 164 17.59 13.34 -22.55
CA GLU B 164 17.96 12.89 -23.89
C GLU B 164 17.93 11.37 -24.07
N PRO B 165 18.43 10.54 -23.14
CA PRO B 165 18.32 9.08 -23.35
C PRO B 165 16.89 8.59 -23.45
N LYS B 166 15.94 9.32 -22.87
CA LYS B 166 14.53 8.93 -22.97
C LYS B 166 14.01 9.10 -24.40
N PHE B 167 14.41 10.20 -25.06
CA PHE B 167 14.10 10.39 -26.46
C PHE B 167 14.67 9.27 -27.29
N GLU B 168 15.92 8.90 -27.03
CA GLU B 168 16.53 7.86 -27.83
C GLU B 168 15.79 6.54 -27.68
N PHE B 169 15.41 6.20 -26.44
CA PHE B 169 14.57 5.02 -26.23
C PHE B 169 13.22 5.17 -26.93
N ALA B 170 12.55 6.32 -26.74
CA ALA B 170 11.19 6.52 -27.21
C ALA B 170 11.06 6.42 -28.72
N VAL B 171 12.01 6.98 -29.47
CA VAL B 171 11.89 6.97 -30.92
C VAL B 171 12.00 5.53 -31.44
N LYS B 172 12.92 4.75 -30.89
CA LYS B 172 13.03 3.36 -31.31
C LYS B 172 11.84 2.54 -30.84
N PHE B 173 11.29 2.86 -29.66
CA PHE B 173 10.12 2.15 -29.16
C PHE B 173 8.91 2.43 -30.04
N ASN B 174 8.74 3.71 -30.45
CA ASN B 174 7.60 4.14 -31.26
C ASN B 174 7.59 3.49 -32.63
N ALA B 175 8.72 2.94 -33.07
CA ALA B 175 8.76 2.26 -34.34
C ALA B 175 8.10 0.89 -34.28
N LEU B 176 7.84 0.34 -33.08
CA LEU B 176 7.04 -0.87 -32.98
C LEU B 176 5.56 -0.60 -33.27
N GLU B 177 5.14 0.67 -33.21
CA GLU B 177 3.77 1.07 -33.54
C GLU B 177 2.73 0.39 -32.64
N LEU B 178 3.05 0.26 -31.34
CA LEU B 178 2.04 -0.27 -30.43
C LEU B 178 0.86 0.70 -30.34
N ASP B 179 -0.32 0.17 -30.01
CA ASP B 179 -1.47 1.00 -29.73
C ASP B 179 -1.81 0.92 -28.24
N ASP B 180 -2.85 1.64 -27.82
CA ASP B 180 -3.16 1.73 -26.40
C ASP B 180 -3.55 0.38 -25.82
N SER B 181 -4.16 -0.49 -26.65
CA SER B 181 -4.53 -1.81 -26.14
C SER B 181 -3.31 -2.69 -25.95
N ASP B 182 -2.31 -2.61 -26.85
CA ASP B 182 -1.02 -3.26 -26.59
C ASP B 182 -0.35 -2.72 -25.33
N LEU B 183 -0.32 -1.39 -25.17
CA LEU B 183 0.43 -0.76 -24.11
C LEU B 183 -0.12 -1.12 -22.74
N ALA B 184 -1.45 -1.23 -22.61
CA ALA B 184 -2.06 -1.55 -21.32
C ALA B 184 -1.53 -2.89 -20.81
N LEU B 185 -1.42 -3.89 -21.68
CA LEU B 185 -0.87 -5.17 -21.26
C LEU B 185 0.63 -5.09 -20.98
N PHE B 186 1.36 -4.33 -21.81
CA PHE B 186 2.80 -4.17 -21.62
C PHE B 186 3.13 -3.48 -20.30
N ILE B 187 2.37 -2.44 -19.97
CA ILE B 187 2.54 -1.76 -18.68
C ILE B 187 2.18 -2.70 -17.53
N ALA B 188 1.06 -3.40 -17.64
CA ALA B 188 0.70 -4.32 -16.57
C ALA B 188 1.81 -5.32 -16.32
N ALA B 189 2.48 -5.79 -17.39
CA ALA B 189 3.54 -6.78 -17.23
C ALA B 189 4.75 -6.16 -16.54
N ILE B 190 5.03 -4.88 -16.82
CA ILE B 190 6.12 -4.19 -16.17
C ILE B 190 5.87 -4.12 -14.67
N ILE B 191 4.66 -3.79 -14.26
CA ILE B 191 4.37 -3.59 -12.85
C ILE B 191 4.39 -4.92 -12.09
N LEU B 192 3.77 -5.95 -12.67
CA LEU B 192 3.64 -7.27 -12.02
C LEU B 192 4.89 -8.09 -12.29
N CYS B 193 5.98 -7.69 -11.66
CA CYS B 193 7.28 -8.24 -11.99
C CYS B 193 7.82 -9.01 -10.79
N GLY B 194 8.15 -10.28 -11.00
CA GLY B 194 8.41 -11.18 -9.89
C GLY B 194 9.74 -10.97 -9.20
N ASP B 195 10.72 -10.37 -9.85
CA ASP B 195 12.02 -10.26 -9.21
C ASP B 195 12.32 -8.86 -8.65
N ARG B 196 11.30 -8.11 -8.26
CA ARG B 196 11.55 -6.86 -7.53
C ARG B 196 12.05 -7.18 -6.11
N PRO B 197 13.03 -6.44 -5.62
CA PRO B 197 13.60 -6.76 -4.30
C PRO B 197 12.57 -6.63 -3.18
N GLY B 198 12.70 -7.53 -2.20
CA GLY B 198 11.86 -7.46 -1.02
C GLY B 198 10.42 -7.84 -1.22
N LEU B 199 10.10 -8.48 -2.35
CA LEU B 199 8.77 -9.03 -2.54
C LEU B 199 8.54 -10.18 -1.57
N MET B 200 7.32 -10.27 -1.05
CA MET B 200 6.99 -11.35 -0.14
C MET B 200 6.47 -12.60 -0.85
N ASN B 201 5.56 -12.41 -1.81
CA ASN B 201 4.91 -13.51 -2.50
C ASN B 201 5.41 -13.57 -3.94
N VAL B 202 6.69 -13.91 -4.10
CA VAL B 202 7.26 -14.01 -5.45
C VAL B 202 6.47 -14.96 -6.34
N PRO B 203 6.16 -16.21 -5.92
CA PRO B 203 5.41 -17.09 -6.85
C PRO B 203 4.06 -16.53 -7.29
N ARG B 204 3.32 -15.91 -6.38
CA ARG B 204 2.05 -15.30 -6.77
C ARG B 204 2.26 -14.25 -7.86
N VAL B 205 3.25 -13.36 -7.67
CA VAL B 205 3.45 -12.29 -8.65
C VAL B 205 3.96 -12.87 -9.97
N GLU B 206 4.94 -13.77 -9.89
CA GLU B 206 5.41 -14.45 -11.10
C GLU B 206 4.24 -15.07 -11.87
N ALA B 207 3.28 -15.64 -11.15
CA ALA B 207 2.15 -16.29 -11.82
C ALA B 207 1.21 -15.27 -12.43
N ILE B 208 0.94 -14.16 -11.74
CA ILE B 208 0.18 -13.09 -12.39
C ILE B 208 0.92 -12.59 -13.63
N GLN B 209 2.20 -12.28 -13.50
CA GLN B 209 2.93 -11.78 -14.66
C GLN B 209 2.83 -12.75 -15.83
N ASP B 210 2.99 -14.04 -15.56
CA ASP B 210 2.93 -15.04 -16.62
C ASP B 210 1.60 -14.98 -17.37
N THR B 211 0.50 -14.86 -16.64
CA THR B 211 -0.79 -14.72 -17.29
C THR B 211 -0.86 -13.47 -18.17
N ILE B 212 -0.35 -12.33 -17.67
CA ILE B 212 -0.38 -11.10 -18.47
C ILE B 212 0.42 -11.30 -19.74
N LEU B 213 1.59 -11.95 -19.64
CA LEU B 213 2.45 -12.17 -20.80
C LEU B 213 1.80 -13.09 -21.83
N ARG B 214 1.12 -14.15 -21.40
CA ARG B 214 0.39 -14.96 -22.36
C ARG B 214 -0.76 -14.15 -22.97
N ALA B 215 -1.41 -13.33 -22.14
CA ALA B 215 -2.44 -12.45 -22.68
C ALA B 215 -1.86 -11.49 -23.70
N LEU B 216 -0.65 -10.99 -23.46
CA LEU B 216 -0.01 -10.07 -24.39
C LEU B 216 0.34 -10.76 -25.71
N GLU B 217 1.00 -11.93 -25.66
CA GLU B 217 1.29 -12.63 -26.91
C GLU B 217 0.02 -12.95 -27.69
N PHE B 218 -1.03 -13.40 -27.02
CA PHE B 218 -2.28 -13.63 -27.72
C PHE B 218 -2.85 -12.32 -28.27
N HIS B 219 -2.83 -11.25 -27.48
CA HIS B 219 -3.34 -9.98 -27.99
C HIS B 219 -2.56 -9.53 -29.23
N LEU B 220 -1.24 -9.64 -29.18
CA LEU B 220 -0.42 -9.20 -30.32
C LEU B 220 -0.70 -10.03 -31.58
N GLN B 221 -0.82 -11.35 -31.45
CA GLN B 221 -1.19 -12.18 -32.60
C GLN B 221 -2.44 -11.62 -33.30
N ALA B 222 -3.49 -11.32 -32.54
CA ALA B 222 -4.71 -10.80 -33.12
C ALA B 222 -4.52 -9.39 -33.64
N ASN B 223 -4.02 -8.47 -32.79
CA ASN B 223 -3.97 -7.05 -33.13
C ASN B 223 -2.90 -6.74 -34.18
N HIS B 224 -1.82 -7.53 -34.26
CA HIS B 224 -0.72 -7.29 -35.18
C HIS B 224 -0.36 -8.57 -35.93
N PRO B 225 -1.26 -9.06 -36.79
CA PRO B 225 -1.05 -10.41 -37.37
C PRO B 225 0.20 -10.51 -38.23
N ASP B 226 0.61 -9.42 -38.89
CA ASP B 226 1.79 -9.42 -39.75
C ASP B 226 3.07 -9.02 -39.02
N ALA B 227 2.98 -8.64 -37.75
CA ALA B 227 4.13 -8.15 -36.99
C ALA B 227 5.03 -9.32 -36.63
N GLN B 228 6.15 -9.45 -37.34
CA GLN B 228 7.09 -10.52 -37.09
C GLN B 228 7.93 -10.20 -35.86
N TYR B 229 7.93 -11.13 -34.90
CA TYR B 229 8.83 -11.11 -33.76
C TYR B 229 8.46 -10.04 -32.71
N LEU B 230 7.22 -9.55 -32.73
CA LEU B 230 6.89 -8.40 -31.91
C LEU B 230 6.92 -8.75 -30.43
N PHE B 231 6.42 -9.94 -30.08
CA PHE B 231 6.43 -10.36 -28.69
C PHE B 231 7.85 -10.46 -28.13
N PRO B 232 8.78 -11.20 -28.74
CA PRO B 232 10.15 -11.18 -28.21
C PRO B 232 10.79 -9.81 -28.24
N LYS B 233 10.50 -9.00 -29.25
CA LYS B 233 11.00 -7.62 -29.24
C LYS B 233 10.52 -6.88 -28.00
N LEU B 234 9.28 -7.11 -27.56
CA LEU B 234 8.79 -6.37 -26.41
C LEU B 234 9.42 -6.87 -25.12
N LEU B 235 9.70 -8.17 -25.04
CA LEU B 235 10.41 -8.70 -23.89
C LEU B 235 11.77 -8.05 -23.79
N GLN B 236 12.44 -7.90 -24.92
CA GLN B 236 13.70 -7.16 -24.96
C GLN B 236 13.50 -5.70 -24.55
N LYS B 237 12.42 -5.05 -25.02
CA LYS B 237 12.18 -3.67 -24.58
C LYS B 237 12.03 -3.59 -23.07
N MET B 238 11.50 -4.65 -22.42
CA MET B 238 11.38 -4.63 -20.97
C MET B 238 12.75 -4.69 -20.32
N ALA B 239 13.65 -5.50 -20.86
CA ALA B 239 15.01 -5.50 -20.33
C ALA B 239 15.69 -4.16 -20.56
N ASP B 240 15.47 -3.53 -21.72
CA ASP B 240 16.07 -2.22 -22.01
C ASP B 240 15.56 -1.17 -21.03
N LEU B 241 14.28 -1.23 -20.71
CA LEU B 241 13.71 -0.30 -19.75
C LEU B 241 14.36 -0.43 -18.39
N ARG B 242 14.64 -1.66 -17.95
CA ARG B 242 15.31 -1.78 -16.68
C ARG B 242 16.70 -1.16 -16.71
N GLN B 243 17.40 -1.24 -17.84
CA GLN B 243 18.71 -0.61 -17.95
C GLN B 243 18.58 0.90 -18.02
N LEU B 244 17.59 1.40 -18.76
CA LEU B 244 17.34 2.83 -18.80
C LEU B 244 17.09 3.39 -17.40
N VAL B 245 16.30 2.67 -16.59
CA VAL B 245 15.97 3.19 -15.28
C VAL B 245 17.17 3.11 -14.34
N THR B 246 17.95 2.03 -14.42
CA THR B 246 19.22 1.96 -13.67
C THR B 246 20.08 3.18 -13.95
N GLU B 247 20.29 3.49 -15.23
CA GLU B 247 21.11 4.65 -15.56
C GLU B 247 20.46 5.94 -15.06
N HIS B 248 19.13 6.00 -15.13
CA HIS B 248 18.43 7.20 -14.68
C HIS B 248 18.63 7.41 -13.19
N ALA B 249 18.49 6.35 -12.41
CA ALA B 249 18.69 6.42 -10.95
C ALA B 249 20.12 6.81 -10.61
N GLN B 250 21.09 6.33 -11.41
CA GLN B 250 22.47 6.79 -11.23
C GLN B 250 22.55 8.30 -11.44
N MET B 251 21.89 8.82 -12.48
CA MET B 251 21.87 10.26 -12.68
C MET B 251 21.17 10.98 -11.54
N MET B 252 20.10 10.39 -10.98
CA MET B 252 19.45 11.02 -9.84
C MET B 252 20.38 11.08 -8.63
N GLN B 253 21.19 10.06 -8.41
CA GLN B 253 22.22 10.09 -7.37
C GLN B 253 23.15 11.29 -7.53
N ARG B 254 23.64 11.51 -8.75
CA ARG B 254 24.51 12.64 -9.00
C ARG B 254 23.81 13.95 -8.69
N ILE B 255 22.53 14.05 -9.04
CA ILE B 255 21.81 15.30 -8.78
C ILE B 255 21.63 15.52 -7.28
N LYS B 256 21.25 14.47 -6.55
CA LYS B 256 21.15 14.57 -5.10
C LYS B 256 22.49 14.94 -4.46
N LYS B 257 23.59 14.41 -5.01
CA LYS B 257 24.92 14.68 -4.47
C LYS B 257 25.42 16.08 -4.82
N THR B 258 25.27 16.52 -6.08
CA THR B 258 25.90 17.74 -6.55
C THR B 258 24.97 18.93 -6.73
N GLU B 259 23.65 18.74 -6.79
CA GLU B 259 22.74 19.88 -6.94
C GLU B 259 21.94 20.08 -5.67
N THR B 260 22.62 20.45 -4.58
CA THR B 260 22.01 20.42 -3.26
C THR B 260 20.92 21.46 -3.08
N GLU B 261 20.89 22.51 -3.91
CA GLU B 261 19.79 23.47 -3.88
C GLU B 261 18.50 22.92 -4.50
N THR B 262 18.56 21.81 -5.23
CA THR B 262 17.43 21.31 -5.99
C THR B 262 16.53 20.44 -5.10
N SER B 263 15.28 20.83 -4.92
CA SER B 263 14.37 20.02 -4.12
C SER B 263 13.95 18.76 -4.86
N LEU B 264 13.67 17.72 -4.10
CA LEU B 264 13.19 16.45 -4.65
C LEU B 264 11.93 16.06 -3.91
N HIS B 265 10.83 15.94 -4.65
CA HIS B 265 9.55 15.56 -4.10
C HIS B 265 9.68 14.35 -3.17
N PRO B 266 9.06 14.37 -2.00
CA PRO B 266 9.23 13.27 -1.04
C PRO B 266 8.90 11.89 -1.60
N LEU B 267 7.90 11.79 -2.46
CA LEU B 267 7.52 10.48 -2.99
C LEU B 267 8.61 9.92 -3.90
N LEU B 268 9.22 10.78 -4.71
CA LEU B 268 10.34 10.35 -5.55
C LEU B 268 11.59 10.07 -4.71
N GLN B 269 11.78 10.81 -3.63
CA GLN B 269 12.85 10.48 -2.68
C GLN B 269 12.67 9.07 -2.12
N GLU B 270 11.45 8.70 -1.74
CA GLU B 270 11.18 7.34 -1.28
C GLU B 270 11.45 6.32 -2.36
N ILE B 271 10.96 6.57 -3.59
CA ILE B 271 11.21 5.61 -4.67
C ILE B 271 12.69 5.39 -4.85
N TYR B 272 13.50 6.45 -4.80
CA TYR B 272 14.93 6.40 -5.08
C TYR B 272 15.78 6.13 -3.85
N LYS B 273 15.16 5.73 -2.74
CA LYS B 273 15.92 5.35 -1.56
C LYS B 273 16.43 3.92 -1.78
N ASP B 274 17.73 3.78 -1.99
CA ASP B 274 18.37 2.49 -2.26
C ASP B 274 17.44 1.44 -2.89
#